data_6D2G
#
_entry.id   6D2G
#
_cell.length_a   98.240
_cell.length_b   98.240
_cell.length_c   127.970
_cell.angle_alpha   90.000
_cell.angle_beta   90.000
_cell.angle_gamma   90.000
#
_symmetry.space_group_name_H-M   'P 41 21 2'
#
loop_
_entity.id
_entity.type
_entity.pdbx_description
1 polymer 'UDP-galactopyranose mutase'
2 non-polymer 'DIHYDROFLAVINE-ADENINE DINUCLEOTIDE'
3 non-polymer 'SODIUM ION'
4 non-polymer "GALACTOSE-URIDINE-5'-DIPHOSPHATE"
5 non-polymer 'SULFATE ION'
6 non-polymer 'ISOPROPYL ALCOHOL'
7 water water
#
_entity_poly.entity_id   1
_entity_poly.type   'polypeptide(L)'
_entity_poly.pdbx_seq_one_letter_code
;MSDFDLIVVGSGLFGLTVAERAASQLGKKVLIVEKRSHLGGNAYSEAEPETGIEIHKYGAHLFHTSNKRVWDYVNQFTAF
TGYQHRVFAMHNGTAYQFPMGLGLINQFFGRYYTPDEARELIKEQSAEIDSKDATNLEEKAISLIGRPLYEAFIRDYTAK
QWQTDPKELPAGNITRLPVRYNFDNRYFNDTYEGLPVDGYAQWLSNMADHENIEVRLDTDWFEVREDLRAQNPEAPVVYT
GPLDRYFDYSEGHLGWRTLDFETEVLNTGDFQGTPVMNYNDAEFPYTRIHEFRHFHPEREDRHPKDKTVIMKEYSRFAEE
GDEPYYPINTPSDREMLFKYRELADAETESGKVYFGGRLGTYQYLDMHMAIASALSMFDNKLVDALKHHHHHH
;
_entity_poly.pdbx_strand_id   A
#
# COMPACT_ATOMS: atom_id res chain seq x y z
N SER A 2 -10.04 21.55 28.24
CA SER A 2 -10.89 21.36 27.07
C SER A 2 -11.29 19.92 26.85
N ASP A 3 -12.20 19.71 25.91
CA ASP A 3 -12.63 18.37 25.56
C ASP A 3 -11.60 17.65 24.71
N PHE A 4 -10.70 18.42 24.10
CA PHE A 4 -9.60 17.88 23.30
C PHE A 4 -8.48 18.91 23.21
N ASP A 5 -7.25 18.41 23.03
CA ASP A 5 -6.07 19.26 22.88
C ASP A 5 -5.54 19.17 21.46
N LEU A 6 -6.07 18.21 20.72
CA LEU A 6 -5.57 17.91 19.38
C LEU A 6 -6.71 17.32 18.58
N ILE A 7 -6.84 17.76 17.34
CA ILE A 7 -7.77 17.15 16.40
C ILE A 7 -6.98 16.46 15.30
N VAL A 8 -7.33 15.19 15.05
CA VAL A 8 -6.74 14.43 13.97
C VAL A 8 -7.82 14.11 12.94
N VAL A 9 -7.61 14.55 11.71
CA VAL A 9 -8.55 14.25 10.64
C VAL A 9 -8.08 12.99 9.92
N GLY A 10 -8.89 11.94 10.00
CA GLY A 10 -8.58 10.65 9.38
C GLY A 10 -8.10 9.63 10.39
N SER A 11 -8.62 8.40 10.30
CA SER A 11 -8.21 7.36 11.24
C SER A 11 -7.39 6.25 10.59
N GLY A 12 -6.63 6.57 9.54
CA GLY A 12 -5.67 5.62 9.01
C GLY A 12 -4.44 5.54 9.90
N LEU A 13 -3.45 4.76 9.46
CA LEU A 13 -2.26 4.52 10.26
C LEU A 13 -1.53 5.81 10.62
N PHE A 14 -1.55 6.80 9.72
CA PHE A 14 -0.88 8.04 10.04
C PHE A 14 -1.57 8.71 11.21
N GLY A 15 -2.86 9.03 11.01
CA GLY A 15 -3.66 9.60 12.08
C GLY A 15 -3.62 8.82 13.39
N LEU A 16 -3.73 7.50 13.31
CA LEU A 16 -3.77 6.71 14.53
C LEU A 16 -2.45 6.81 15.26
N THR A 17 -1.36 6.94 14.52
CA THR A 17 -0.06 6.94 15.17
C THR A 17 0.12 8.27 15.91
N VAL A 18 -0.14 9.36 15.21
CA VAL A 18 -0.10 10.69 15.81
C VAL A 18 -1.03 10.78 17.06
N ALA A 19 -2.26 10.28 16.93
CA ALA A 19 -3.22 10.29 18.00
C ALA A 19 -2.73 9.52 19.21
N GLU A 20 -2.29 8.28 18.98
CA GLU A 20 -1.84 7.44 20.09
C GLU A 20 -0.62 8.02 20.82
N ARG A 21 0.34 8.55 20.07
CA ARG A 21 1.51 9.18 20.69
C ARG A 21 1.12 10.39 21.55
N ALA A 22 0.30 11.29 21.01
CA ALA A 22 -0.20 12.43 21.78
C ALA A 22 -0.92 11.97 23.04
N ALA A 23 -1.83 11.02 22.88
CA ALA A 23 -2.58 10.49 24.01
C ALA A 23 -1.70 9.86 25.08
N SER A 24 -0.76 9.01 24.70
CA SER A 24 -0.08 8.19 25.70
C SER A 24 1.24 8.79 26.14
N GLN A 25 1.83 9.64 25.31
CA GLN A 25 3.16 10.17 25.65
C GLN A 25 3.07 11.59 26.21
N LEU A 26 2.18 12.41 25.63
CA LEU A 26 2.00 13.76 26.12
C LEU A 26 0.81 13.86 27.06
N GLY A 27 0.09 12.76 27.24
CA GLY A 27 -1.11 12.74 28.04
C GLY A 27 -2.20 13.71 27.58
N LYS A 28 -2.18 14.11 26.30
CA LYS A 28 -3.20 14.98 25.70
C LYS A 28 -4.49 14.25 25.31
N LYS A 29 -5.61 15.00 25.32
CA LYS A 29 -6.90 14.54 24.81
C LYS A 29 -6.94 14.71 23.30
N VAL A 30 -7.30 13.65 22.59
CA VAL A 30 -7.28 13.71 21.15
C VAL A 30 -8.64 13.35 20.61
N LEU A 31 -9.13 14.22 19.73
CA LEU A 31 -10.34 13.93 19.00
C LEU A 31 -9.97 13.52 17.58
N ILE A 32 -10.43 12.34 17.17
CA ILE A 32 -10.19 11.84 15.83
C ILE A 32 -11.49 11.90 15.09
N VAL A 33 -11.43 12.53 13.92
CA VAL A 33 -12.57 12.68 13.03
C VAL A 33 -12.39 11.83 11.78
N GLU A 34 -13.32 10.89 11.55
CA GLU A 34 -13.22 9.96 10.44
C GLU A 34 -14.48 9.98 9.56
N LYS A 35 -14.28 10.18 8.26
CA LYS A 35 -15.38 10.26 7.31
C LYS A 35 -16.10 8.92 7.02
N ARG A 36 -15.37 7.83 6.92
CA ARG A 36 -16.00 6.54 6.67
C ARG A 36 -16.71 5.98 7.91
N SER A 37 -17.35 4.83 7.72
CA SER A 37 -18.07 4.16 8.82
C SER A 37 -17.19 3.31 9.73
N HIS A 38 -15.92 3.17 9.38
CA HIS A 38 -15.01 2.33 10.15
C HIS A 38 -13.67 3.03 10.43
N LEU A 39 -12.94 2.52 11.43
CA LEU A 39 -11.58 2.94 11.75
C LEU A 39 -10.55 2.31 10.84
N GLY A 40 -9.43 2.98 10.65
CA GLY A 40 -8.25 2.28 10.17
C GLY A 40 -7.76 2.66 8.79
N GLY A 41 -8.55 3.46 8.09
CA GLY A 41 -8.20 3.85 6.74
C GLY A 41 -8.10 2.66 5.82
N ASN A 42 -7.17 2.74 4.88
CA ASN A 42 -7.08 1.73 3.85
C ASN A 42 -6.44 0.41 4.28
N ALA A 43 -5.96 0.34 5.53
CA ALA A 43 -5.44 -0.92 6.05
C ALA A 43 -6.56 -1.76 6.67
N TYR A 44 -7.74 -1.18 6.79
CA TYR A 44 -8.92 -1.87 7.31
C TYR A 44 -9.25 -3.19 6.61
N SER A 45 -9.59 -4.20 7.40
CA SER A 45 -10.04 -5.49 6.91
C SER A 45 -11.30 -5.93 7.66
N GLU A 46 -12.07 -6.85 7.08
CA GLU A 46 -13.26 -7.37 7.75
C GLU A 46 -13.58 -8.78 7.29
N ALA A 47 -14.37 -9.49 8.08
CA ALA A 47 -14.79 -10.83 7.69
C ALA A 47 -15.74 -10.74 6.52
N GLU A 48 -15.61 -11.69 5.60
CA GLU A 48 -16.61 -11.95 4.59
C GLU A 48 -17.77 -12.66 5.30
N PRO A 49 -19.01 -12.19 5.06
CA PRO A 49 -20.15 -12.70 5.84
C PRO A 49 -20.42 -14.20 5.64
N GLU A 50 -20.32 -14.71 4.42
CA GLU A 50 -20.64 -16.11 4.20
C GLU A 50 -19.62 -17.08 4.82
N THR A 51 -18.34 -16.84 4.60
CA THR A 51 -17.27 -17.74 5.05
C THR A 51 -16.62 -17.39 6.39
N GLY A 52 -16.59 -16.09 6.73
CA GLY A 52 -15.91 -15.66 7.93
C GLY A 52 -14.46 -15.31 7.70
N ILE A 53 -13.97 -15.52 6.48
CA ILE A 53 -12.58 -15.30 6.13
C ILE A 53 -12.25 -13.80 6.07
N GLU A 54 -11.14 -13.41 6.67
CA GLU A 54 -10.73 -12.01 6.69
C GLU A 54 -10.30 -11.55 5.30
N ILE A 55 -10.84 -10.41 4.85
CA ILE A 55 -10.48 -9.88 3.56
C ILE A 55 -10.11 -8.43 3.72
N HIS A 56 -9.10 -8.02 2.97
CA HIS A 56 -8.64 -6.64 3.01
C HIS A 56 -9.46 -5.85 2.00
N LYS A 57 -10.13 -4.82 2.49
CA LYS A 57 -11.13 -4.09 1.74
C LYS A 57 -10.56 -3.19 0.64
N TYR A 58 -9.34 -2.71 0.84
CA TYR A 58 -8.73 -1.75 -0.08
C TYR A 58 -7.43 -2.27 -0.66
N GLY A 59 -7.38 -3.57 -0.91
CA GLY A 59 -6.19 -4.18 -1.45
C GLY A 59 -5.54 -5.07 -0.42
N ALA A 60 -4.86 -6.12 -0.88
CA ALA A 60 -4.09 -6.96 0.01
C ALA A 60 -3.05 -6.11 0.76
N HIS A 61 -2.92 -6.32 2.07
CA HIS A 61 -1.96 -5.57 2.88
C HIS A 61 -1.00 -6.52 3.59
N LEU A 62 0.25 -6.47 3.16
CA LEU A 62 1.28 -7.35 3.73
C LEU A 62 2.25 -6.47 4.50
N PHE A 63 2.41 -6.73 5.81
CA PHE A 63 3.26 -5.88 6.63
C PHE A 63 4.70 -6.35 6.63
N HIS A 64 5.63 -5.44 6.40
CA HIS A 64 7.07 -5.78 6.35
C HIS A 64 7.91 -4.55 6.62
N THR A 65 8.99 -4.70 7.38
CA THR A 65 9.88 -3.57 7.62
C THR A 65 11.25 -4.00 8.12
N SER A 66 12.24 -3.13 7.92
CA SER A 66 13.59 -3.30 8.47
C SER A 66 13.88 -2.18 9.47
N ASN A 67 12.84 -1.38 9.74
CA ASN A 67 12.89 -0.32 10.73
C ASN A 67 12.50 -0.83 12.12
N LYS A 68 13.48 -1.06 12.98
CA LYS A 68 13.23 -1.71 14.26
C LYS A 68 12.32 -0.89 15.15
N ARG A 69 12.44 0.44 15.03
CA ARG A 69 11.66 1.31 15.88
C ARG A 69 10.16 1.10 15.58
N VAL A 70 9.82 1.11 14.28
CA VAL A 70 8.46 0.89 13.81
C VAL A 70 7.96 -0.50 14.20
N TRP A 71 8.84 -1.48 14.11
CA TRP A 71 8.49 -2.85 14.45
C TRP A 71 8.18 -3.02 15.93
N ASP A 72 8.95 -2.33 16.78
CA ASP A 72 8.73 -2.40 18.22
C ASP A 72 7.43 -1.71 18.58
N TYR A 73 7.22 -0.56 17.93
CA TYR A 73 6.02 0.22 18.11
C TYR A 73 4.75 -0.59 17.80
N VAL A 74 4.63 -1.10 16.58
CA VAL A 74 3.41 -1.80 16.18
C VAL A 74 3.15 -3.04 17.01
N ASN A 75 4.19 -3.61 17.62
CA ASN A 75 3.99 -4.82 18.41
C ASN A 75 3.40 -4.53 19.79
N GLN A 76 3.26 -3.25 20.11
CA GLN A 76 2.50 -2.87 21.30
C GLN A 76 1.02 -3.09 21.10
N PHE A 77 0.55 -3.02 19.86
CA PHE A 77 -0.88 -3.01 19.57
C PHE A 77 -1.42 -4.31 18.98
N THR A 78 -0.51 -5.15 18.50
CA THR A 78 -0.90 -6.44 17.95
C THR A 78 0.34 -7.31 17.92
N ALA A 79 0.14 -8.62 17.94
CA ALA A 79 1.20 -9.58 17.64
C ALA A 79 1.09 -9.91 16.16
N PHE A 80 2.16 -10.46 15.58
CA PHE A 80 2.19 -10.79 14.15
C PHE A 80 2.44 -12.27 13.98
N THR A 81 1.81 -12.86 12.98
CA THR A 81 2.12 -14.23 12.60
C THR A 81 3.49 -14.31 11.91
N GLY A 82 3.95 -15.52 11.67
CA GLY A 82 5.20 -15.71 10.96
C GLY A 82 5.02 -15.84 9.46
N TYR A 83 3.93 -15.29 8.95
CA TYR A 83 3.64 -15.36 7.52
C TYR A 83 4.78 -14.75 6.72
N GLN A 84 5.21 -15.45 5.69
CA GLN A 84 6.15 -14.89 4.73
C GLN A 84 5.45 -14.87 3.39
N HIS A 85 5.38 -13.68 2.79
CA HIS A 85 4.75 -13.52 1.50
C HIS A 85 5.58 -14.15 0.39
N ARG A 86 4.90 -14.93 -0.43
CA ARG A 86 5.44 -15.52 -1.66
C ARG A 86 4.41 -15.37 -2.79
N VAL A 87 4.90 -15.14 -4.01
CA VAL A 87 4.03 -14.85 -5.16
C VAL A 87 4.37 -15.80 -6.27
N PHE A 88 3.37 -16.20 -7.05
CA PHE A 88 3.58 -17.02 -8.23
C PHE A 88 3.07 -16.25 -9.47
N ALA A 89 3.62 -16.55 -10.64
CA ALA A 89 3.35 -15.75 -11.84
C ALA A 89 2.78 -16.62 -12.98
N MET A 90 1.53 -16.33 -13.38
CA MET A 90 0.82 -17.15 -14.36
C MET A 90 1.10 -16.67 -15.77
N HIS A 91 1.77 -17.52 -16.55
CA HIS A 91 2.14 -17.20 -17.92
C HIS A 91 2.00 -18.39 -18.82
N ASN A 92 1.14 -18.25 -19.82
CA ASN A 92 0.84 -19.33 -20.77
C ASN A 92 0.48 -20.65 -20.13
N GLY A 93 -0.42 -20.61 -19.16
CA GLY A 93 -0.91 -21.81 -18.52
C GLY A 93 0.06 -22.45 -17.54
N THR A 94 1.17 -21.78 -17.25
CA THR A 94 2.08 -22.26 -16.23
C THR A 94 2.26 -21.25 -15.08
N ALA A 95 2.24 -21.78 -13.86
CA ALA A 95 2.61 -21.00 -12.67
C ALA A 95 4.13 -20.98 -12.55
N TYR A 96 4.71 -19.81 -12.64
CA TYR A 96 6.16 -19.69 -12.48
C TYR A 96 6.50 -19.24 -11.06
N GLN A 97 7.59 -19.81 -10.53
CA GLN A 97 8.22 -19.25 -9.33
C GLN A 97 8.55 -17.79 -9.60
N PHE A 98 8.48 -16.97 -8.57
CA PHE A 98 8.54 -15.52 -8.73
C PHE A 98 9.03 -14.96 -7.40
N PRO A 99 9.75 -13.82 -7.43
CA PRO A 99 10.21 -13.03 -8.57
C PRO A 99 11.31 -13.76 -9.37
N MET A 100 11.82 -13.12 -10.41
CA MET A 100 12.79 -13.75 -11.30
C MET A 100 14.03 -14.19 -10.58
N GLY A 101 14.33 -15.48 -10.70
CA GLY A 101 15.45 -16.09 -10.00
C GLY A 101 15.65 -17.46 -10.59
N LEU A 102 16.51 -18.28 -9.98
CA LEU A 102 16.89 -19.56 -10.60
C LEU A 102 15.68 -20.43 -10.90
N GLY A 103 14.67 -20.38 -10.04
CA GLY A 103 13.46 -21.16 -10.24
C GLY A 103 12.76 -20.80 -11.54
N LEU A 104 12.43 -19.51 -11.70
CA LEU A 104 11.77 -19.04 -12.92
C LEU A 104 12.62 -19.36 -14.13
N ILE A 105 13.91 -19.02 -14.05
CA ILE A 105 14.87 -19.23 -15.14
C ILE A 105 14.90 -20.69 -15.62
N ASN A 106 14.94 -21.63 -14.69
CA ASN A 106 14.85 -23.04 -15.05
C ASN A 106 13.53 -23.34 -15.76
N GLN A 107 12.43 -22.86 -15.22
CA GLN A 107 11.12 -23.19 -15.77
C GLN A 107 10.92 -22.63 -17.18
N PHE A 108 11.49 -21.44 -17.42
CA PHE A 108 11.23 -20.67 -18.63
C PHE A 108 12.24 -20.92 -19.76
N PHE A 109 13.49 -21.24 -19.40
CA PHE A 109 14.52 -21.57 -20.40
C PHE A 109 14.73 -23.08 -20.53
N GLY A 110 14.00 -23.87 -19.74
CA GLY A 110 13.94 -25.30 -19.95
C GLY A 110 14.92 -26.22 -19.23
N ARG A 111 15.92 -25.66 -18.56
CA ARG A 111 16.81 -26.51 -17.76
C ARG A 111 17.55 -25.71 -16.68
N TYR A 112 18.18 -26.43 -15.76
CA TYR A 112 18.78 -25.81 -14.59
C TYR A 112 20.03 -24.99 -14.92
N TYR A 113 20.04 -23.74 -14.48
CA TYR A 113 21.22 -22.87 -14.55
C TYR A 113 21.74 -22.67 -13.16
N THR A 114 23.06 -22.82 -13.00
CA THR A 114 23.69 -22.53 -11.74
C THR A 114 23.66 -21.02 -11.55
N PRO A 115 23.93 -20.55 -10.31
CA PRO A 115 24.06 -19.11 -10.12
C PRO A 115 24.93 -18.48 -11.21
N ASP A 116 26.16 -18.98 -11.38
CA ASP A 116 27.11 -18.42 -12.34
C ASP A 116 26.64 -18.53 -13.78
N GLU A 117 26.06 -19.68 -14.14
CA GLU A 117 25.46 -19.82 -15.46
C GLU A 117 24.30 -18.84 -15.67
N ALA A 118 23.47 -18.64 -14.63
CA ALA A 118 22.34 -17.73 -14.78
C ALA A 118 22.78 -16.29 -14.99
N ARG A 119 23.79 -15.87 -14.24
CA ARG A 119 24.42 -14.57 -14.42
C ARG A 119 24.89 -14.37 -15.84
N GLU A 120 25.55 -15.40 -16.37
CA GLU A 120 26.03 -15.37 -17.76
C GLU A 120 24.86 -15.28 -18.75
N LEU A 121 23.85 -16.12 -18.56
CA LEU A 121 22.64 -16.07 -19.39
C LEU A 121 22.04 -14.68 -19.45
N ILE A 122 21.87 -14.05 -18.29
CA ILE A 122 21.27 -12.72 -18.23
C ILE A 122 22.16 -11.65 -18.88
N LYS A 123 23.47 -11.81 -18.77
CA LYS A 123 24.40 -10.91 -19.45
C LYS A 123 24.19 -10.99 -20.98
N GLU A 124 24.15 -12.20 -21.51
CA GLU A 124 23.82 -12.42 -22.92
C GLU A 124 22.47 -11.84 -23.34
N GLN A 125 21.40 -12.24 -22.67
CA GLN A 125 20.06 -11.82 -23.04
C GLN A 125 19.90 -10.30 -23.06
N SER A 126 20.56 -9.63 -22.13
CA SER A 126 20.37 -8.19 -21.90
C SER A 126 21.42 -7.35 -22.64
N ALA A 127 22.31 -8.02 -23.35
CA ALA A 127 23.42 -7.34 -24.00
C ALA A 127 22.94 -6.41 -25.11
N GLU A 128 21.75 -6.68 -25.65
CA GLU A 128 21.21 -5.92 -26.76
C GLU A 128 21.19 -4.39 -26.56
N ILE A 129 20.45 -3.92 -25.57
CA ILE A 129 20.44 -2.51 -25.25
C ILE A 129 21.30 -2.20 -24.02
N ASP A 130 22.10 -1.15 -24.10
CA ASP A 130 22.85 -0.71 -22.92
C ASP A 130 21.93 0.20 -22.10
N SER A 131 22.00 0.05 -20.78
CA SER A 131 21.07 0.73 -19.89
C SER A 131 21.11 2.26 -20.02
N LYS A 132 22.31 2.80 -20.26
CA LYS A 132 22.43 4.25 -20.35
C LYS A 132 21.74 4.78 -21.61
N ASP A 133 21.51 3.91 -22.60
CA ASP A 133 20.98 4.33 -23.89
C ASP A 133 19.47 4.08 -24.04
N ALA A 134 18.85 3.58 -22.97
CA ALA A 134 17.43 3.26 -22.96
C ALA A 134 16.58 4.51 -22.83
N THR A 135 15.55 4.61 -23.67
CA THR A 135 14.74 5.83 -23.75
C THR A 135 13.36 5.72 -23.07
N ASN A 136 12.81 4.51 -23.00
CA ASN A 136 11.54 4.30 -22.31
C ASN A 136 11.56 3.05 -21.43
N LEU A 137 10.39 2.71 -20.87
CA LEU A 137 10.30 1.59 -19.93
C LEU A 137 10.62 0.26 -20.60
N GLU A 138 10.00 -0.01 -21.75
CA GLU A 138 10.28 -1.23 -22.49
C GLU A 138 11.77 -1.47 -22.70
N GLU A 139 12.46 -0.46 -23.23
CA GLU A 139 13.89 -0.58 -23.54
C GLU A 139 14.74 -0.77 -22.28
N LYS A 140 14.41 -0.01 -21.25
CA LYS A 140 15.16 -0.05 -20.00
C LYS A 140 15.10 -1.45 -19.40
N ALA A 141 13.91 -2.05 -19.47
CA ALA A 141 13.69 -3.41 -18.98
C ALA A 141 14.48 -4.42 -19.80
N ILE A 142 14.35 -4.31 -21.12
CA ILE A 142 15.06 -5.20 -22.02
C ILE A 142 16.56 -5.06 -21.79
N SER A 143 17.03 -3.85 -21.53
CA SER A 143 18.46 -3.63 -21.29
C SER A 143 18.94 -4.36 -20.03
N LEU A 144 18.03 -4.64 -19.09
CA LEU A 144 18.41 -5.32 -17.86
C LEU A 144 18.24 -6.83 -17.92
N ILE A 145 17.17 -7.33 -18.56
CA ILE A 145 16.89 -8.76 -18.47
C ILE A 145 16.69 -9.46 -19.81
N GLY A 146 16.73 -8.71 -20.92
CA GLY A 146 16.58 -9.31 -22.24
C GLY A 146 15.14 -9.30 -22.72
N ARG A 147 14.93 -9.58 -24.00
CA ARG A 147 13.57 -9.53 -24.56
C ARG A 147 12.64 -10.66 -24.15
N PRO A 148 13.12 -11.93 -24.21
CA PRO A 148 12.24 -13.03 -23.74
C PRO A 148 11.64 -12.82 -22.33
N LEU A 149 12.46 -12.56 -21.31
CA LEU A 149 11.93 -12.38 -19.96
C LEU A 149 11.00 -11.16 -19.93
N TYR A 150 11.46 -10.03 -20.48
CA TYR A 150 10.62 -8.83 -20.53
C TYR A 150 9.24 -9.06 -21.14
N GLU A 151 9.19 -9.85 -22.21
CA GLU A 151 7.94 -9.99 -22.95
C GLU A 151 6.98 -10.97 -22.27
N ALA A 152 7.52 -11.95 -21.55
CA ALA A 152 6.69 -12.92 -20.86
C ALA A 152 6.17 -12.46 -19.48
N PHE A 153 6.98 -11.72 -18.73
CA PHE A 153 6.63 -11.44 -17.33
C PHE A 153 6.46 -9.97 -16.98
N ILE A 154 6.96 -9.08 -17.82
CA ILE A 154 6.84 -7.66 -17.53
C ILE A 154 5.86 -6.88 -18.41
N ARG A 155 5.91 -7.14 -19.71
CA ARG A 155 5.26 -6.26 -20.68
C ARG A 155 3.76 -6.09 -20.43
N ASP A 156 2.99 -7.17 -20.51
CA ASP A 156 1.53 -7.08 -20.38
C ASP A 156 1.07 -6.73 -18.96
N TYR A 157 1.77 -7.27 -17.95
CA TYR A 157 1.46 -6.93 -16.57
C TYR A 157 1.55 -5.43 -16.37
N THR A 158 2.66 -4.85 -16.79
CA THR A 158 2.87 -3.42 -16.65
C THR A 158 1.82 -2.66 -17.43
N ALA A 159 1.44 -3.19 -18.58
CA ALA A 159 0.50 -2.48 -19.45
C ALA A 159 -0.84 -2.42 -18.76
N LYS A 160 -1.25 -3.54 -18.17
CA LYS A 160 -2.52 -3.60 -17.43
C LYS A 160 -2.54 -2.66 -16.22
N GLN A 161 -1.43 -2.59 -15.47
CA GLN A 161 -1.42 -1.78 -14.25
C GLN A 161 -1.50 -0.29 -14.53
N TRP A 162 -0.78 0.13 -15.58
CA TRP A 162 -0.69 1.55 -15.93
C TRP A 162 -1.68 1.97 -17.00
N GLN A 163 -2.35 1.00 -17.63
CA GLN A 163 -3.23 1.27 -18.76
C GLN A 163 -2.48 2.09 -19.84
N THR A 164 -1.30 1.62 -20.20
CA THR A 164 -0.38 2.34 -21.08
C THR A 164 0.62 1.39 -21.73
N ASP A 165 0.95 1.61 -23.00
CA ASP A 165 2.03 0.86 -23.61
C ASP A 165 3.35 1.23 -22.92
N PRO A 166 4.12 0.21 -22.51
CA PRO A 166 5.43 0.39 -21.88
C PRO A 166 6.43 1.23 -22.71
N LYS A 167 6.31 1.23 -24.03
CA LYS A 167 7.17 2.08 -24.86
C LYS A 167 6.91 3.55 -24.56
N GLU A 168 5.74 3.82 -23.97
CA GLU A 168 5.31 5.17 -23.64
C GLU A 168 5.44 5.48 -22.15
N LEU A 169 6.43 4.87 -21.52
CA LEU A 169 6.67 5.14 -20.11
C LEU A 169 8.16 5.43 -19.92
N PRO A 170 8.48 6.33 -18.98
CA PRO A 170 9.85 6.80 -18.68
C PRO A 170 10.83 5.69 -18.29
N ALA A 171 12.06 5.75 -18.79
CA ALA A 171 13.08 4.77 -18.42
C ALA A 171 13.40 4.80 -16.93
N GLY A 172 13.16 5.94 -16.29
CA GLY A 172 13.47 6.12 -14.89
C GLY A 172 12.66 5.24 -13.94
N ASN A 173 11.65 4.56 -14.49
CA ASN A 173 10.76 3.72 -13.69
C ASN A 173 11.29 2.31 -13.48
N ILE A 174 12.51 2.06 -13.95
CA ILE A 174 13.23 0.88 -13.48
C ILE A 174 14.63 1.28 -13.07
N THR A 175 14.98 0.97 -11.83
CA THR A 175 16.26 1.44 -11.33
C THR A 175 17.21 0.29 -10.96
N ARG A 176 16.69 -0.93 -10.81
CA ARG A 176 17.58 -2.05 -10.50
C ARG A 176 17.22 -3.36 -11.18
N LEU A 177 18.24 -4.23 -11.27
CA LEU A 177 18.12 -5.56 -11.86
C LEU A 177 17.10 -6.43 -11.11
N PRO A 178 16.00 -6.72 -11.77
CA PRO A 178 15.01 -7.55 -11.09
C PRO A 178 15.35 -9.06 -11.09
N VAL A 179 16.61 -9.48 -11.07
CA VAL A 179 16.89 -10.92 -11.12
C VAL A 179 17.73 -11.47 -9.96
N ARG A 180 17.23 -12.54 -9.33
CA ARG A 180 17.96 -13.20 -8.24
C ARG A 180 18.77 -14.39 -8.72
N TYR A 181 20.00 -14.50 -8.24
CA TYR A 181 20.84 -15.60 -8.68
C TYR A 181 20.90 -16.71 -7.64
N ASN A 182 19.75 -16.97 -7.02
CA ASN A 182 19.57 -18.14 -6.18
C ASN A 182 18.13 -18.65 -6.27
N PHE A 183 17.76 -19.56 -5.39
CA PHE A 183 16.40 -20.11 -5.37
C PHE A 183 15.52 -19.46 -4.29
N ASP A 184 15.91 -18.28 -3.81
CA ASP A 184 15.13 -17.62 -2.77
C ASP A 184 13.94 -16.88 -3.35
N ASN A 185 12.73 -17.36 -3.06
CA ASN A 185 11.54 -16.69 -3.56
C ASN A 185 10.70 -16.01 -2.47
N ARG A 186 11.32 -15.61 -1.35
CA ARG A 186 10.68 -14.66 -0.43
C ARG A 186 10.35 -13.39 -1.17
N TYR A 187 9.09 -13.00 -1.24
CA TYR A 187 8.79 -11.77 -1.99
C TYR A 187 9.49 -10.53 -1.41
N PHE A 188 9.46 -10.35 -0.09
CA PHE A 188 10.03 -9.16 0.55
C PHE A 188 11.44 -9.40 1.17
N ASN A 189 12.26 -8.36 1.18
CA ASN A 189 13.65 -8.38 1.69
C ASN A 189 13.84 -7.92 3.11
N ASP A 190 12.78 -7.68 3.86
CA ASP A 190 12.96 -6.97 5.14
C ASP A 190 13.15 -7.89 6.34
N THR A 191 13.71 -7.32 7.41
CA THR A 191 14.02 -8.08 8.63
C THR A 191 12.76 -8.65 9.30
N TYR A 192 11.70 -7.85 9.31
CA TYR A 192 10.49 -8.19 10.04
C TYR A 192 9.35 -8.30 9.04
N GLU A 193 8.55 -9.34 9.20
CA GLU A 193 7.42 -9.54 8.34
C GLU A 193 6.37 -10.37 9.07
N GLY A 194 5.10 -10.07 8.84
CA GLY A 194 4.03 -10.90 9.37
C GLY A 194 2.66 -10.29 9.10
N LEU A 195 1.60 -10.97 9.53
CA LEU A 195 0.23 -10.45 9.50
C LEU A 195 -0.32 -10.33 10.93
N PRO A 196 -1.13 -9.31 11.20
CA PRO A 196 -1.67 -9.15 12.56
C PRO A 196 -2.44 -10.40 12.98
N VAL A 197 -2.14 -10.97 14.14
CA VAL A 197 -2.73 -12.25 14.49
C VAL A 197 -4.26 -12.23 14.48
N ASP A 198 -4.85 -11.15 14.95
CA ASP A 198 -6.31 -11.04 15.03
C ASP A 198 -6.86 -10.15 13.94
N GLY A 199 -6.09 -9.97 12.87
CA GLY A 199 -6.53 -9.16 11.74
C GLY A 199 -6.23 -7.67 11.94
N TYR A 200 -6.36 -6.93 10.84
CA TYR A 200 -6.04 -5.51 10.81
C TYR A 200 -7.00 -4.65 11.64
N ALA A 201 -8.30 -4.96 11.57
CA ALA A 201 -9.31 -4.17 12.28
C ALA A 201 -9.06 -4.16 13.78
N GLN A 202 -8.73 -5.32 14.35
CA GLN A 202 -8.42 -5.38 15.77
C GLN A 202 -7.19 -4.54 16.10
N TRP A 203 -6.19 -4.57 15.22
CA TRP A 203 -4.94 -3.86 15.44
C TRP A 203 -5.21 -2.36 15.45
N LEU A 204 -5.79 -1.85 14.36
CA LEU A 204 -6.05 -0.41 14.24
C LEU A 204 -6.93 0.06 15.41
N SER A 205 -7.90 -0.77 15.76
CA SER A 205 -8.80 -0.46 16.85
C SER A 205 -8.02 -0.34 18.17
N ASN A 206 -7.05 -1.22 18.40
CA ASN A 206 -6.29 -1.13 19.64
C ASN A 206 -5.49 0.16 19.74
N MET A 207 -5.09 0.68 18.60
CA MET A 207 -4.36 1.95 18.59
C MET A 207 -5.24 3.09 19.09
N ALA A 208 -6.52 3.07 18.71
CA ALA A 208 -7.46 4.12 19.11
C ALA A 208 -7.98 3.93 20.54
N ASP A 209 -7.78 2.72 21.06
CA ASP A 209 -8.29 2.36 22.37
C ASP A 209 -7.42 2.93 23.47
N HIS A 210 -7.69 4.19 23.81
CA HIS A 210 -6.98 4.84 24.90
C HIS A 210 -7.94 5.81 25.62
N GLU A 211 -7.82 5.88 26.94
CA GLU A 211 -8.71 6.72 27.76
C GLU A 211 -8.74 8.17 27.26
N ASN A 212 -7.66 8.62 26.62
CA ASN A 212 -7.56 9.99 26.08
C ASN A 212 -7.98 10.18 24.63
N ILE A 213 -8.52 9.15 23.99
CA ILE A 213 -8.82 9.30 22.57
C ILE A 213 -10.30 9.18 22.31
N GLU A 214 -10.85 10.13 21.58
CA GLU A 214 -12.24 10.06 21.16
C GLU A 214 -12.32 9.92 19.65
N VAL A 215 -13.19 9.03 19.18
CA VAL A 215 -13.36 8.82 17.74
C VAL A 215 -14.78 9.10 17.27
N ARG A 216 -14.91 9.95 16.25
CA ARG A 216 -16.18 10.21 15.63
C ARG A 216 -16.19 9.72 14.20
N LEU A 217 -16.81 8.57 13.99
CA LEU A 217 -16.99 8.00 12.67
C LEU A 217 -18.10 8.72 11.94
N ASP A 218 -18.19 8.46 10.63
CA ASP A 218 -19.16 9.09 9.72
C ASP A 218 -19.22 10.60 9.86
N THR A 219 -18.05 11.24 9.95
CA THR A 219 -17.96 12.67 10.19
C THR A 219 -16.97 13.28 9.22
N ASP A 220 -17.44 14.19 8.37
CA ASP A 220 -16.54 14.86 7.44
C ASP A 220 -15.97 16.12 8.07
N TRP A 221 -14.65 16.21 8.11
CA TRP A 221 -13.95 17.37 8.66
C TRP A 221 -14.51 18.69 8.15
N PHE A 222 -14.74 18.77 6.85
CA PHE A 222 -15.09 20.04 6.22
C PHE A 222 -16.49 20.52 6.59
N GLU A 223 -17.28 19.61 7.18
CA GLU A 223 -18.62 19.94 7.65
C GLU A 223 -18.66 20.29 9.13
N VAL A 224 -17.63 19.92 9.88
CA VAL A 224 -17.68 20.12 11.32
C VAL A 224 -16.56 21.04 11.82
N ARG A 225 -15.67 21.45 10.93
CA ARG A 225 -14.43 22.09 11.37
C ARG A 225 -14.64 23.43 12.11
N GLU A 226 -15.47 24.30 11.54
CA GLU A 226 -15.71 25.61 12.14
C GLU A 226 -16.24 25.46 13.57
N ASP A 227 -17.09 24.49 13.76
CA ASP A 227 -17.65 24.22 15.08
C ASP A 227 -16.60 23.66 16.06
N LEU A 228 -15.84 22.66 15.61
CA LEU A 228 -14.88 22.02 16.49
C LEU A 228 -13.78 22.96 16.94
N ARG A 229 -13.22 23.73 16.01
CA ARG A 229 -12.10 24.60 16.37
C ARG A 229 -12.58 25.75 17.29
N ALA A 230 -13.84 26.17 17.14
CA ALA A 230 -14.43 27.16 18.04
C ALA A 230 -14.44 26.72 19.52
N GLN A 231 -14.52 25.41 19.75
CA GLN A 231 -14.52 24.89 21.12
C GLN A 231 -13.16 24.98 21.81
N ASN A 232 -12.10 24.79 21.04
CA ASN A 232 -10.74 25.04 21.51
C ASN A 232 -9.87 25.55 20.36
N PRO A 233 -9.87 26.87 20.15
CA PRO A 233 -9.18 27.50 19.01
C PRO A 233 -7.67 27.24 19.03
N GLU A 234 -7.14 26.90 20.20
CA GLU A 234 -5.71 26.68 20.39
C GLU A 234 -5.25 25.31 19.93
N ALA A 235 -6.19 24.38 19.77
CA ALA A 235 -5.83 23.02 19.44
C ALA A 235 -5.38 22.92 17.98
N PRO A 236 -4.21 22.30 17.75
CA PRO A 236 -3.69 22.07 16.40
C PRO A 236 -4.47 20.97 15.68
N VAL A 237 -4.45 21.00 14.35
CA VAL A 237 -5.07 19.96 13.54
C VAL A 237 -4.01 19.19 12.72
N VAL A 238 -4.03 17.86 12.82
CA VAL A 238 -3.28 17.02 11.89
C VAL A 238 -4.27 16.53 10.83
N TYR A 239 -4.06 16.95 9.58
CA TYR A 239 -4.97 16.63 8.52
C TYR A 239 -4.39 15.56 7.58
N THR A 240 -5.10 14.44 7.41
CA THR A 240 -4.59 13.37 6.55
C THR A 240 -5.53 13.08 5.39
N GLY A 241 -6.48 13.98 5.14
CA GLY A 241 -7.37 13.84 4.00
C GLY A 241 -6.64 14.32 2.76
N PRO A 242 -7.32 14.29 1.59
CA PRO A 242 -6.67 14.69 0.32
C PRO A 242 -6.16 16.14 0.36
N LEU A 243 -4.94 16.36 -0.11
CA LEU A 243 -4.29 17.67 -0.05
C LEU A 243 -4.96 18.74 -0.92
N ASP A 244 -5.35 18.36 -2.13
CA ASP A 244 -5.97 19.32 -3.05
C ASP A 244 -7.39 19.67 -2.63
N ARG A 245 -8.10 18.71 -2.05
CA ARG A 245 -9.48 18.95 -1.64
C ARG A 245 -9.53 19.95 -0.48
N TYR A 246 -8.50 19.92 0.38
CA TYR A 246 -8.39 20.88 1.46
C TYR A 246 -8.45 22.32 0.92
N PHE A 247 -7.67 22.56 -0.14
CA PHE A 247 -7.63 23.88 -0.76
C PHE A 247 -8.57 24.00 -1.95
N ASP A 248 -9.69 23.29 -1.88
CA ASP A 248 -10.81 23.41 -2.82
C ASP A 248 -10.44 23.33 -4.31
N TYR A 249 -9.42 22.52 -4.61
CA TYR A 249 -8.88 22.35 -5.96
C TYR A 249 -8.55 23.68 -6.63
N SER A 250 -8.08 24.64 -5.82
CA SER A 250 -7.68 25.95 -6.32
C SER A 250 -6.45 25.86 -7.24
N GLU A 251 -5.85 24.69 -7.36
CA GLU A 251 -4.79 24.49 -8.34
C GLU A 251 -5.10 23.28 -9.22
N GLY A 252 -6.36 22.83 -9.17
CA GLY A 252 -6.79 21.71 -9.98
C GLY A 252 -6.51 20.35 -9.34
N HIS A 253 -7.11 19.31 -9.91
CA HIS A 253 -7.11 17.96 -9.33
C HIS A 253 -5.85 17.13 -9.55
N LEU A 254 -5.26 16.69 -8.45
CA LEU A 254 -4.14 15.75 -8.49
C LEU A 254 -4.59 14.43 -9.09
N GLY A 255 -3.76 13.82 -9.93
CA GLY A 255 -4.10 12.59 -10.64
C GLY A 255 -3.72 11.29 -9.93
N TRP A 256 -4.69 10.37 -9.86
CA TRP A 256 -4.53 9.08 -9.17
C TRP A 256 -4.90 7.87 -10.03
N ARG A 257 -4.25 6.73 -9.78
CA ARG A 257 -4.74 5.45 -10.27
C ARG A 257 -5.70 4.86 -9.24
N THR A 258 -6.75 4.19 -9.71
CA THR A 258 -7.64 3.51 -8.79
C THR A 258 -7.65 2.03 -9.12
N LEU A 259 -8.33 1.26 -8.29
CA LEU A 259 -8.37 -0.18 -8.40
C LEU A 259 -9.80 -0.62 -8.21
N ASP A 260 -10.21 -1.58 -9.02
CA ASP A 260 -11.50 -2.22 -8.83
C ASP A 260 -11.29 -3.66 -8.40
N PHE A 261 -12.00 -4.04 -7.36
CA PHE A 261 -11.87 -5.37 -6.81
C PHE A 261 -13.17 -6.14 -6.99
N GLU A 262 -13.08 -7.31 -7.58
CA GLU A 262 -14.21 -8.17 -7.80
C GLU A 262 -14.07 -9.40 -6.91
N THR A 263 -14.93 -9.49 -5.91
CA THR A 263 -14.79 -10.47 -4.85
C THR A 263 -15.83 -11.58 -4.92
N GLU A 264 -15.39 -12.82 -5.13
CA GLU A 264 -16.30 -13.95 -5.29
C GLU A 264 -16.11 -15.01 -4.23
N VAL A 265 -17.21 -15.61 -3.77
CA VAL A 265 -17.14 -16.78 -2.90
C VAL A 265 -17.33 -18.00 -3.78
N LEU A 266 -16.40 -18.92 -3.72
CA LEU A 266 -16.46 -20.09 -4.58
C LEU A 266 -16.80 -21.30 -3.74
N ASN A 267 -17.42 -22.29 -4.39
CA ASN A 267 -17.80 -23.52 -3.71
C ASN A 267 -16.71 -24.57 -3.87
N THR A 268 -15.50 -24.15 -3.50
CA THR A 268 -14.38 -25.07 -3.35
C THR A 268 -13.59 -24.61 -2.13
N GLY A 269 -12.86 -25.54 -1.53
CA GLY A 269 -12.05 -25.19 -0.37
C GLY A 269 -10.76 -24.48 -0.76
N ASP A 270 -10.34 -24.63 -2.01
CA ASP A 270 -9.04 -24.09 -2.44
C ASP A 270 -8.99 -23.81 -3.94
N PHE A 271 -9.01 -22.52 -4.29
CA PHE A 271 -9.00 -22.11 -5.68
C PHE A 271 -7.60 -22.19 -6.35
N GLN A 272 -6.54 -21.71 -5.70
CA GLN A 272 -5.21 -21.70 -6.36
C GLN A 272 -4.02 -22.17 -5.48
N GLY A 273 -4.30 -22.54 -4.23
CA GLY A 273 -3.29 -23.17 -3.39
C GLY A 273 -2.16 -22.24 -3.02
N THR A 274 -2.44 -20.94 -3.03
CA THR A 274 -1.42 -19.93 -2.77
C THR A 274 -2.12 -18.57 -2.61
N PRO A 275 -1.55 -17.66 -1.81
CA PRO A 275 -2.26 -16.40 -1.52
C PRO A 275 -2.45 -15.51 -2.74
N VAL A 276 -1.40 -15.35 -3.54
CA VAL A 276 -1.41 -14.40 -4.64
C VAL A 276 -0.87 -14.99 -5.91
N MET A 277 -1.71 -15.01 -6.94
CA MET A 277 -1.29 -15.47 -8.26
C MET A 277 -1.32 -14.28 -9.21
N ASN A 278 -0.15 -13.87 -9.69
CA ASN A 278 -0.09 -12.82 -10.70
C ASN A 278 -0.55 -13.35 -12.06
N TYR A 279 -1.23 -12.53 -12.84
CA TYR A 279 -1.63 -12.95 -14.18
C TYR A 279 -0.92 -12.10 -15.21
N ASN A 280 0.12 -12.67 -15.81
CA ASN A 280 1.02 -11.87 -16.62
C ASN A 280 0.64 -11.66 -18.10
N ASP A 281 -0.34 -12.44 -18.60
CA ASP A 281 -0.76 -12.37 -20.00
C ASP A 281 -1.86 -11.35 -20.23
N ALA A 282 -1.85 -10.72 -21.41
CA ALA A 282 -2.85 -9.70 -21.75
C ALA A 282 -4.28 -10.24 -21.83
N GLU A 283 -4.43 -11.53 -22.13
CA GLU A 283 -5.77 -12.10 -22.26
C GLU A 283 -6.60 -12.03 -20.98
N PHE A 284 -5.96 -11.86 -19.83
CA PHE A 284 -6.69 -11.69 -18.56
C PHE A 284 -6.78 -10.22 -18.19
N PRO A 285 -7.99 -9.74 -17.94
CA PRO A 285 -8.18 -8.31 -17.67
C PRO A 285 -7.55 -7.92 -16.33
N TYR A 286 -7.68 -8.81 -15.34
CA TYR A 286 -7.11 -8.56 -14.02
C TYR A 286 -5.61 -8.81 -13.93
N THR A 287 -4.94 -8.07 -13.06
CA THR A 287 -3.49 -8.19 -12.86
C THR A 287 -3.16 -9.39 -11.98
N ARG A 288 -4.03 -9.70 -11.01
CA ARG A 288 -3.78 -10.81 -10.10
C ARG A 288 -5.03 -11.24 -9.33
N ILE A 289 -4.98 -12.45 -8.79
CA ILE A 289 -6.03 -12.96 -7.92
C ILE A 289 -5.49 -13.28 -6.53
N HIS A 290 -6.18 -12.74 -5.52
CA HIS A 290 -5.91 -13.01 -4.12
C HIS A 290 -6.83 -14.10 -3.57
N GLU A 291 -6.28 -15.11 -2.91
CA GLU A 291 -7.13 -16.04 -2.19
C GLU A 291 -6.88 -15.93 -0.69
N PHE A 292 -7.80 -15.26 0.00
CA PHE A 292 -7.53 -14.74 1.34
C PHE A 292 -7.38 -15.75 2.47
N ARG A 293 -7.93 -16.96 2.30
CA ARG A 293 -7.75 -17.95 3.35
C ARG A 293 -6.24 -18.25 3.53
N HIS A 294 -5.45 -18.12 2.46
CA HIS A 294 -4.04 -18.50 2.52
C HIS A 294 -3.18 -17.43 3.16
N PHE A 295 -3.74 -16.26 3.43
CA PHE A 295 -3.01 -15.26 4.21
C PHE A 295 -2.94 -15.69 5.66
N HIS A 296 -3.93 -16.48 6.08
CA HIS A 296 -3.97 -16.95 7.48
C HIS A 296 -4.16 -18.45 7.62
N PRO A 297 -3.16 -19.25 7.21
CA PRO A 297 -3.22 -20.71 7.32
C PRO A 297 -3.37 -21.18 8.77
N GLU A 298 -2.91 -20.37 9.72
CA GLU A 298 -3.09 -20.75 11.11
C GLU A 298 -4.56 -20.76 11.55
N ARG A 299 -5.46 -20.18 10.75
CA ARG A 299 -6.90 -20.21 11.09
C ARG A 299 -7.70 -21.30 10.35
N GLU A 300 -7.04 -22.35 9.88
CA GLU A 300 -7.67 -23.30 8.95
C GLU A 300 -8.90 -24.02 9.49
N ASP A 301 -8.92 -24.32 10.78
CA ASP A 301 -10.06 -25.07 11.28
C ASP A 301 -11.19 -24.14 11.69
N ARG A 302 -11.02 -22.85 11.42
CA ARG A 302 -12.12 -21.90 11.55
C ARG A 302 -12.58 -21.38 10.19
N HIS A 303 -11.95 -21.90 9.15
CA HIS A 303 -12.33 -21.57 7.79
C HIS A 303 -13.24 -22.66 7.25
N PRO A 304 -14.18 -22.30 6.38
CA PRO A 304 -15.01 -23.31 5.72
C PRO A 304 -14.15 -24.30 4.94
N LYS A 305 -14.53 -25.59 4.92
CA LYS A 305 -13.73 -26.59 4.24
C LYS A 305 -14.12 -26.76 2.78
N ASP A 306 -15.22 -26.13 2.39
N ASP A 306 -15.24 -26.20 2.35
CA ASP A 306 -15.85 -26.38 1.10
CA ASP A 306 -15.64 -26.40 0.95
C ASP A 306 -16.02 -25.08 0.32
C ASP A 306 -16.02 -25.07 0.30
N LYS A 307 -15.64 -23.97 0.94
CA LYS A 307 -15.82 -22.65 0.36
C LYS A 307 -14.55 -21.81 0.49
N THR A 308 -14.37 -20.83 -0.40
CA THR A 308 -13.21 -19.96 -0.34
C THR A 308 -13.50 -18.58 -0.97
N VAL A 309 -12.91 -17.52 -0.43
CA VAL A 309 -13.09 -16.21 -1.02
C VAL A 309 -11.91 -15.81 -1.89
N ILE A 310 -12.20 -15.36 -3.11
CA ILE A 310 -11.13 -14.84 -3.98
C ILE A 310 -11.49 -13.45 -4.42
N MET A 311 -10.50 -12.70 -4.88
CA MET A 311 -10.70 -11.31 -5.28
C MET A 311 -9.78 -10.98 -6.44
N LYS A 312 -10.37 -10.58 -7.57
CA LYS A 312 -9.60 -10.20 -8.76
C LYS A 312 -9.36 -8.70 -8.76
N GLU A 313 -8.15 -8.31 -9.14
CA GLU A 313 -7.75 -6.90 -9.09
C GLU A 313 -7.62 -6.33 -10.49
N TYR A 314 -8.25 -5.18 -10.72
CA TYR A 314 -8.19 -4.49 -12.00
C TYR A 314 -7.69 -3.08 -11.76
N SER A 315 -6.85 -2.59 -12.66
CA SER A 315 -6.24 -1.29 -12.53
C SER A 315 -6.78 -0.35 -13.63
N ARG A 316 -7.05 0.89 -13.27
CA ARG A 316 -7.46 1.91 -14.24
C ARG A 316 -7.28 3.31 -13.64
N PHE A 317 -7.40 4.33 -14.48
CA PHE A 317 -7.27 5.70 -13.97
C PHE A 317 -8.52 6.06 -13.19
N ALA A 318 -8.33 6.89 -12.16
CA ALA A 318 -9.40 7.20 -11.22
C ALA A 318 -10.25 8.39 -11.67
N GLU A 319 -11.54 8.17 -11.78
CA GLU A 319 -12.47 9.25 -12.06
C GLU A 319 -13.11 9.73 -10.77
N GLU A 320 -13.85 10.83 -10.85
CA GLU A 320 -14.45 11.45 -9.66
C GLU A 320 -15.25 10.41 -8.87
N GLY A 321 -14.97 10.33 -7.58
CA GLY A 321 -15.69 9.41 -6.70
C GLY A 321 -14.94 8.12 -6.51
N ASP A 322 -14.14 7.73 -7.51
CA ASP A 322 -13.30 6.55 -7.42
C ASP A 322 -12.32 6.70 -6.28
N GLU A 323 -12.09 5.63 -5.53
CA GLU A 323 -11.06 5.62 -4.49
C GLU A 323 -9.70 5.94 -5.07
N PRO A 324 -8.99 6.92 -4.50
CA PRO A 324 -7.60 7.21 -4.90
C PRO A 324 -6.63 6.22 -4.28
N TYR A 325 -5.80 5.54 -5.08
CA TYR A 325 -4.89 4.53 -4.54
C TYR A 325 -3.42 4.90 -4.74
N TYR A 326 -3.01 4.99 -5.99
CA TYR A 326 -1.63 5.36 -6.31
C TYR A 326 -1.56 6.71 -7.03
N PRO A 327 -0.66 7.60 -6.57
CA PRO A 327 -0.43 8.86 -7.29
C PRO A 327 0.12 8.57 -8.68
N ILE A 328 -0.26 9.36 -9.68
CA ILE A 328 0.23 9.11 -11.03
C ILE A 328 1.58 9.78 -11.26
N ASN A 329 1.69 11.02 -10.79
CA ASN A 329 2.92 11.81 -10.84
C ASN A 329 3.39 12.19 -12.25
N THR A 330 2.45 12.61 -13.09
CA THR A 330 2.79 13.30 -14.33
C THR A 330 3.49 14.58 -13.95
N PRO A 331 4.31 15.15 -14.84
CA PRO A 331 4.96 16.42 -14.50
C PRO A 331 3.94 17.51 -14.18
N SER A 332 2.78 17.47 -14.83
CA SER A 332 1.69 18.40 -14.51
C SER A 332 1.30 18.22 -13.05
N ASP A 333 1.28 16.94 -12.63
CA ASP A 333 0.89 16.59 -11.27
C ASP A 333 1.92 17.12 -10.30
N ARG A 334 3.20 16.95 -10.63
CA ARG A 334 4.29 17.41 -9.78
C ARG A 334 4.28 18.91 -9.53
N GLU A 335 3.99 19.69 -10.56
CA GLU A 335 4.00 21.14 -10.40
C GLU A 335 2.80 21.60 -9.61
N MET A 336 1.67 20.97 -9.90
CA MET A 336 0.45 21.17 -9.15
C MET A 336 0.70 20.89 -7.67
N LEU A 337 1.56 19.91 -7.40
CA LEU A 337 1.86 19.51 -6.03
C LEU A 337 2.62 20.58 -5.26
N PHE A 338 3.72 21.11 -5.80
CA PHE A 338 4.49 22.04 -4.98
C PHE A 338 3.78 23.39 -4.85
N LYS A 339 2.85 23.68 -5.75
CA LYS A 339 1.95 24.80 -5.52
C LYS A 339 1.14 24.55 -4.25
N TYR A 340 0.59 23.35 -4.12
CA TYR A 340 -0.17 22.98 -2.93
C TYR A 340 0.71 22.91 -1.67
N ARG A 341 1.96 22.48 -1.82
CA ARG A 341 2.88 22.40 -0.69
C ARG A 341 3.05 23.74 -0.01
N GLU A 342 3.10 24.82 -0.79
CA GLU A 342 3.35 26.11 -0.20
C GLU A 342 2.07 26.68 0.40
N LEU A 343 0.93 26.33 -0.19
CA LEU A 343 -0.35 26.59 0.44
C LEU A 343 -0.39 25.94 1.81
N ALA A 344 0.00 24.67 1.87
CA ALA A 344 -0.05 23.89 3.08
C ALA A 344 0.83 24.49 4.17
N ASP A 345 2.06 24.87 3.82
CA ASP A 345 2.99 25.42 4.81
C ASP A 345 2.51 26.74 5.39
N ALA A 346 1.84 27.54 4.56
CA ALA A 346 1.24 28.79 5.03
C ALA A 346 0.13 28.45 6.01
N GLU A 347 -0.65 27.43 5.65
CA GLU A 347 -1.76 26.98 6.47
C GLU A 347 -1.28 26.49 7.84
N THR A 348 -0.12 25.84 7.88
CA THR A 348 0.41 25.40 9.15
C THR A 348 0.77 26.58 10.04
N GLU A 349 1.50 27.55 9.48
CA GLU A 349 1.94 28.66 10.31
C GLU A 349 0.77 29.59 10.63
N SER A 350 -0.18 29.74 9.70
CA SER A 350 -1.36 30.56 9.98
C SER A 350 -2.42 29.82 10.82
N GLY A 351 -2.63 28.53 10.56
CA GLY A 351 -3.75 27.80 11.17
C GLY A 351 -3.45 26.64 12.11
N LYS A 352 -2.18 26.34 12.34
CA LYS A 352 -1.75 25.21 13.17
C LYS A 352 -2.33 23.90 12.61
N VAL A 353 -2.45 23.84 11.28
CA VAL A 353 -2.92 22.66 10.58
C VAL A 353 -1.77 21.97 9.86
N TYR A 354 -1.47 20.75 10.29
CA TYR A 354 -0.40 19.94 9.72
C TYR A 354 -0.94 18.93 8.69
N PHE A 355 -0.16 18.68 7.66
CA PHE A 355 -0.56 17.79 6.59
C PHE A 355 0.34 16.57 6.61
N GLY A 356 -0.26 15.39 6.52
CA GLY A 356 0.48 14.15 6.64
C GLY A 356 -0.27 13.01 5.99
N GLY A 357 0.38 11.86 5.90
CA GLY A 357 -0.27 10.69 5.37
C GLY A 357 -0.25 10.64 3.86
N ARG A 358 -0.76 9.53 3.35
CA ARG A 358 -0.78 9.21 1.94
C ARG A 358 -1.59 10.22 1.11
N LEU A 359 -2.71 10.64 1.65
CA LEU A 359 -3.57 11.61 0.96
C LEU A 359 -3.12 13.02 1.25
N GLY A 360 -2.66 13.26 2.48
CA GLY A 360 -2.28 14.60 2.87
C GLY A 360 -1.02 15.06 2.18
N THR A 361 -0.24 14.15 1.64
CA THR A 361 0.99 14.54 0.99
C THR A 361 1.13 14.05 -0.46
N TYR A 362 0.08 13.48 -1.04
CA TYR A 362 0.12 12.92 -2.42
C TYR A 362 1.30 11.98 -2.61
N GLN A 363 1.21 10.82 -1.98
CA GLN A 363 2.36 9.93 -1.91
C GLN A 363 1.91 8.51 -1.74
N TYR A 364 2.70 7.56 -2.22
CA TYR A 364 2.47 6.18 -1.83
C TYR A 364 3.33 5.91 -0.64
N LEU A 365 2.74 5.38 0.41
CA LEU A 365 3.51 4.95 1.57
C LEU A 365 3.16 3.54 1.97
N ASP A 366 4.16 2.66 2.06
CA ASP A 366 3.99 1.41 2.78
C ASP A 366 3.56 1.76 4.21
N MET A 367 2.93 0.80 4.87
CA MET A 367 2.42 0.99 6.21
C MET A 367 3.52 1.39 7.20
N HIS A 368 4.69 0.77 7.09
CA HIS A 368 5.74 1.12 8.03
C HIS A 368 6.26 2.52 7.71
N MET A 369 6.21 2.92 6.45
CA MET A 369 6.56 4.29 6.10
C MET A 369 5.56 5.32 6.63
N ALA A 370 4.25 5.00 6.59
CA ALA A 370 3.22 5.90 7.12
C ALA A 370 3.46 6.10 8.62
N ILE A 371 3.60 4.99 9.33
CA ILE A 371 3.94 5.02 10.74
C ILE A 371 5.23 5.80 11.05
N ALA A 372 6.33 5.48 10.34
CA ALA A 372 7.58 6.21 10.53
C ALA A 372 7.39 7.72 10.36
N SER A 373 6.71 8.08 9.27
CA SER A 373 6.46 9.48 8.98
C SER A 373 5.62 10.18 10.06
N ALA A 374 4.70 9.43 10.67
CA ALA A 374 3.87 9.97 11.75
C ALA A 374 4.70 10.15 13.01
N LEU A 375 5.51 9.14 13.33
CA LEU A 375 6.39 9.20 14.49
C LEU A 375 7.30 10.40 14.40
N SER A 376 7.67 10.74 13.18
CA SER A 376 8.57 11.84 12.95
C SER A 376 7.86 13.18 13.08
N MET A 377 6.68 13.31 12.45
CA MET A 377 5.90 14.52 12.67
C MET A 377 5.58 14.71 14.16
N PHE A 378 5.33 13.62 14.86
CA PHE A 378 5.08 13.71 16.28
C PHE A 378 6.30 14.30 16.97
N ASP A 379 7.45 13.65 16.79
CA ASP A 379 8.67 14.04 17.47
C ASP A 379 9.17 15.45 17.11
N ASN A 380 9.10 15.83 15.84
CA ASN A 380 9.73 17.07 15.39
C ASN A 380 8.79 18.26 15.24
N LYS A 381 7.49 18.02 15.30
CA LYS A 381 6.53 19.12 15.24
C LYS A 381 5.59 19.12 16.44
N LEU A 382 4.81 18.05 16.58
CA LEU A 382 3.67 18.08 17.47
C LEU A 382 4.02 18.22 18.96
N VAL A 383 5.17 17.70 19.35
CA VAL A 383 5.62 17.82 20.74
C VAL A 383 5.68 19.31 21.16
N ASP A 384 6.34 20.11 20.33
CA ASP A 384 6.41 21.55 20.52
C ASP A 384 5.04 22.22 20.43
N ALA A 385 4.30 21.87 19.38
CA ALA A 385 3.00 22.49 19.11
C ALA A 385 1.94 22.22 20.19
N LEU A 386 2.27 21.41 21.20
CA LEU A 386 1.29 21.03 22.21
C LEU A 386 1.66 21.40 23.65
N LYS A 387 2.60 22.33 23.86
CA LYS A 387 2.99 22.68 25.24
C LYS A 387 2.40 23.99 25.75
#